data_2XGA
#
_entry.id   2XGA
#
_cell.length_a   55.980
_cell.length_b   50.380
_cell.length_c   57.680
_cell.angle_alpha   90.00
_cell.angle_beta   117.03
_cell.angle_gamma   90.00
#
_symmetry.space_group_name_H-M   'P 1 21 1'
#
loop_
_entity.id
_entity.type
_entity.pdbx_description
1 polymer 'SURFACE PRESENTATION OF ANTIGENS PROTEIN SPAK'
2 non-polymer 'S-[(1-oxyl-2,2,5,5-tetramethyl-2,5-dihydro-1H-pyrrol-3-yl)methyl] methanesulfonothioate'
3 water water
#
_entity_poly.entity_id   1
_entity_poly.type   'polypeptide(L)'
_entity_poly.pdbx_seq_one_letter_code
;MGSSHHHHHHSSGLVPRGSHMSNINLVQLVRDSLFTIGCPPSIITDLDSHSAITISLDSMPAINIALVNEQVMLWANFDA
PSDVKLQSSAYNILNLMLMNFSYSINELVELHRSDEYLQLRVVIKDDYVHDGIVFAEILHEFYQRMEILNGVL
;
_entity_poly.pdbx_strand_id   A,B
#
loop_
_chem_comp.id
_chem_comp.type
_chem_comp.name
_chem_comp.formula
MTN non-polymer 'S-[(1-oxyl-2,2,5,5-tetramethyl-2,5-dihydro-1H-pyrrol-3-yl)methyl] methanesulfonothioate' 'C10 H18 N O3 S2'
#
# COMPACT_ATOMS: atom_id res chain seq x y z
N ILE A 24 -0.70 -17.36 -17.60
CA ILE A 24 -1.95 -16.55 -17.60
C ILE A 24 -2.10 -15.86 -18.96
N ASN A 25 -3.21 -16.17 -19.65
CA ASN A 25 -3.56 -15.49 -20.88
C ASN A 25 -4.43 -14.28 -20.53
N LEU A 26 -3.78 -13.16 -20.27
CA LEU A 26 -4.43 -11.98 -19.74
C LEU A 26 -5.39 -11.32 -20.72
N VAL A 27 -5.10 -11.41 -22.02
CA VAL A 27 -5.99 -10.88 -23.04
C VAL A 27 -7.29 -11.68 -23.09
N GLN A 28 -7.17 -13.00 -23.01
CA GLN A 28 -8.33 -13.88 -22.98
C GLN A 28 -9.17 -13.65 -21.72
N LEU A 29 -8.52 -13.50 -20.56
CA LEU A 29 -9.20 -13.25 -19.29
C LEU A 29 -10.04 -11.98 -19.34
N VAL A 30 -9.44 -10.92 -19.89
CA VAL A 30 -10.06 -9.59 -19.90
C VAL A 30 -11.23 -9.51 -20.88
N ARG A 31 -11.02 -9.94 -22.12
CA ARG A 31 -12.09 -10.00 -23.11
C ARG A 31 -13.26 -10.79 -22.57
N ASP A 32 -12.95 -11.94 -22.00
CA ASP A 32 -13.98 -12.82 -21.45
C ASP A 32 -14.70 -12.22 -20.25
N SER A 33 -13.97 -11.48 -19.41
CA SER A 33 -14.59 -10.75 -18.30
C SER A 33 -15.62 -9.73 -18.78
N LEU A 34 -15.28 -9.02 -19.86
CA LEU A 34 -16.11 -7.94 -20.37
C LEU A 34 -17.32 -8.40 -21.18
N PHE A 35 -17.24 -9.56 -21.83
CA PHE A 35 -18.44 -10.20 -22.41
C PHE A 35 -19.42 -10.57 -21.33
N THR A 36 -18.90 -11.21 -20.30
CA THR A 36 -19.73 -11.77 -19.23
C THR A 36 -20.64 -10.72 -18.56
N ILE A 37 -20.21 -9.47 -18.52
CA ILE A 37 -21.04 -8.40 -17.96
C ILE A 37 -21.64 -7.46 -19.02
N GLY A 38 -21.56 -7.86 -20.29
CA GLY A 38 -22.25 -7.15 -21.36
C GLY A 38 -21.71 -5.77 -21.67
N CYS A 39 -20.42 -5.58 -21.44
CA CYS A 39 -19.75 -4.33 -21.81
C CYS A 39 -19.55 -4.35 -23.31
N PRO A 40 -19.45 -3.17 -23.95
CA PRO A 40 -19.19 -3.18 -25.38
C PRO A 40 -17.71 -3.50 -25.67
N PRO A 41 -17.44 -4.12 -26.83
CA PRO A 41 -16.05 -4.49 -27.15
C PRO A 41 -15.19 -3.31 -27.64
N SER A 42 -15.83 -2.17 -27.92
CA SER A 42 -15.17 -0.97 -28.41
C SER A 42 -14.16 -0.34 -27.43
N ILE A 43 -14.24 -0.68 -26.15
CA ILE A 43 -13.47 0.01 -25.11
C ILE A 43 -12.07 -0.54 -24.80
N ILE A 44 -11.68 -1.68 -25.38
CA ILE A 44 -10.39 -2.29 -25.05
C ILE A 44 -9.35 -2.15 -26.17
N THR A 45 -8.09 -1.91 -25.78
CA THR A 45 -6.96 -1.80 -26.72
C THR A 45 -5.72 -2.50 -26.15
N ASP A 46 -4.75 -2.82 -27.01
CA ASP A 46 -3.50 -3.45 -26.56
C ASP A 46 -2.29 -3.09 -27.43
N HIS A 50 2.47 -8.83 -26.44
CA HIS A 50 2.25 -8.62 -25.01
C HIS A 50 2.39 -7.14 -24.62
N SER A 51 1.74 -6.76 -23.53
CA SER A 51 0.99 -5.50 -23.45
C SER A 51 1.71 -4.35 -22.69
N ALA A 52 1.04 -3.33 -22.10
CA ALA A 52 -0.26 -3.37 -21.38
C ALA A 52 -1.59 -3.14 -22.14
N ILE A 53 -2.69 -3.59 -21.53
CA ILE A 53 -4.06 -3.46 -22.07
C ILE A 53 -4.84 -2.33 -21.39
N THR A 54 -5.57 -1.56 -22.18
CA THR A 54 -6.32 -0.41 -21.68
C THR A 54 -7.83 -0.56 -21.85
N ILE A 55 -8.58 -0.22 -20.81
CA ILE A 55 -10.04 -0.13 -20.91
C ILE A 55 -10.48 1.32 -20.76
N SER A 56 -11.00 1.87 -21.86
CA SER A 56 -11.41 3.27 -21.91
C SER A 56 -12.83 3.45 -21.40
N LEU A 57 -13.01 4.45 -20.55
CA LEU A 57 -14.33 4.78 -20.00
C LEU A 57 -14.47 6.28 -20.10
N ASP A 58 -15.70 6.78 -20.17
CA ASP A 58 -15.91 8.19 -20.47
C ASP A 58 -15.81 9.08 -19.23
N SER A 59 -15.20 10.24 -19.43
CA SER A 59 -14.97 11.22 -18.36
C SER A 59 -14.12 10.68 -17.21
N MET A 60 -13.26 9.71 -17.52
CA MET A 60 -12.43 9.09 -16.49
C MET A 60 -11.14 8.49 -17.04
N PRO A 61 -10.13 8.33 -16.17
CA PRO A 61 -8.92 7.61 -16.54
C PRO A 61 -9.21 6.20 -16.99
N ALA A 62 -8.47 5.72 -17.98
CA ALA A 62 -8.60 4.35 -18.44
C ALA A 62 -8.10 3.39 -17.35
N ILE A 63 -8.55 2.14 -17.39
CA ILE A 63 -8.01 1.10 -16.53
C ILE A 63 -6.93 0.36 -17.29
N ASN A 64 -5.71 0.38 -16.74
CA ASN A 64 -4.61 -0.32 -17.35
C ASN A 64 -4.45 -1.64 -16.62
N ILE A 65 -4.16 -2.69 -17.39
CA ILE A 65 -4.06 -4.05 -16.88
C ILE A 65 -2.82 -4.66 -17.53
N ALA A 66 -1.98 -5.33 -16.75
CA ALA A 66 -0.82 -6.04 -17.31
C ALA A 66 -0.24 -7.11 -16.40
N LEU A 67 0.50 -8.03 -17.00
CA LEU A 67 1.29 -9.01 -16.26
C LEU A 67 2.63 -8.37 -15.90
N VAL A 68 2.85 -8.18 -14.60
CA VAL A 68 4.03 -7.52 -14.09
C VAL A 68 4.70 -8.46 -13.09
N ASN A 69 5.73 -9.16 -13.56
CA ASN A 69 6.40 -10.19 -12.77
C ASN A 69 5.42 -11.23 -12.28
N GLU A 70 4.72 -11.85 -13.23
CA GLU A 70 3.88 -13.01 -12.97
C GLU A 70 2.58 -12.71 -12.25
N GLN A 71 2.33 -11.43 -11.94
CA GLN A 71 1.12 -11.02 -11.23
C GLN A 71 0.35 -10.00 -12.06
N VAL A 72 -0.98 -10.12 -12.05
CA VAL A 72 -1.84 -9.18 -12.74
C VAL A 72 -1.88 -7.90 -11.93
N MET A 73 -1.68 -6.78 -12.60
CA MET A 73 -1.69 -5.49 -11.95
C MET A 73 -2.70 -4.62 -12.65
N LEU A 74 -3.47 -3.87 -11.87
CA LEU A 74 -4.42 -2.87 -12.38
C LEU A 74 -3.97 -1.50 -11.89
N TRP A 75 -4.08 -0.48 -12.75
CA TRP A 75 -3.79 0.87 -12.31
C TRP A 75 -4.48 1.93 -13.14
N ALA A 76 -4.66 3.11 -12.53
CA ALA A 76 -5.37 4.21 -13.14
C ALA A 76 -4.65 5.51 -12.77
N ASN A 77 -4.34 6.32 -13.78
CA ASN A 77 -3.56 7.53 -13.59
C ASN A 77 -4.47 8.75 -13.55
N PHE A 78 -4.50 9.44 -12.43
CA PHE A 78 -5.27 10.65 -12.26
C PHE A 78 -4.33 11.85 -12.21
N ASP A 79 -4.69 12.93 -12.91
CA ASP A 79 -3.89 14.15 -12.87
C ASP A 79 -3.66 14.55 -11.43
N ALA A 80 -2.40 14.79 -11.08
CA ALA A 80 -2.05 15.21 -9.73
C ALA A 80 -2.90 16.40 -9.33
N PRO A 81 -3.67 16.29 -8.23
CA PRO A 81 -4.43 17.45 -7.81
C PRO A 81 -3.52 18.58 -7.32
N SER A 82 -3.97 19.82 -7.44
CA SER A 82 -3.29 20.91 -6.78
C SER A 82 -3.22 20.58 -5.30
N ASP A 83 -2.32 21.24 -4.60
CA ASP A 83 -2.14 21.00 -3.19
C ASP A 83 -3.35 21.46 -2.34
N VAL A 84 -3.99 22.56 -2.74
CA VAL A 84 -5.14 23.06 -2.00
C VAL A 84 -6.31 22.08 -2.13
N LYS A 85 -6.50 21.56 -3.34
CA LYS A 85 -7.56 20.58 -3.61
C LYS A 85 -7.36 19.30 -2.80
N LEU A 86 -6.10 18.87 -2.68
CA LEU A 86 -5.72 17.70 -1.87
C LEU A 86 -6.11 17.91 -0.40
N GLN A 87 -5.88 19.12 0.10
CA GLN A 87 -6.24 19.48 1.47
C GLN A 87 -7.74 19.42 1.71
N SER A 88 -8.53 19.94 0.78
CA SER A 88 -9.98 19.90 0.94
C SER A 88 -10.59 18.50 0.70
N SER A 89 -9.93 17.67 -0.09
CA SER A 89 -10.38 16.30 -0.37
C SER A 89 -9.71 15.22 0.48
N ALA A 90 -8.77 15.60 1.35
CA ALA A 90 -7.88 14.65 2.01
C ALA A 90 -8.64 13.60 2.84
N TYR A 91 -9.63 14.05 3.60
CA TYR A 91 -10.45 13.15 4.40
C TYR A 91 -11.14 12.08 3.54
N ASN A 92 -11.74 12.51 2.43
CA ASN A 92 -12.43 11.57 1.52
C ASN A 92 -11.44 10.62 0.83
N ILE A 93 -10.26 11.14 0.49
CA ILE A 93 -9.23 10.33 -0.15
C ILE A 93 -8.58 9.36 0.83
N LEU A 94 -8.37 9.80 2.07
CA LEU A 94 -7.88 8.91 3.13
C LEU A 94 -8.88 7.78 3.42
N ASN A 95 -10.17 8.10 3.50
CA ASN A 95 -11.17 7.05 3.75
C ASN A 95 -11.21 6.03 2.62
N LEU A 96 -11.09 6.51 1.37
CA LEU A 96 -11.02 5.61 0.22
C LEU A 96 -9.86 4.64 0.31
N MET A 97 -8.69 5.11 0.72
CA MET A 97 -7.49 4.27 0.77
C MET A 97 -7.48 3.30 1.94
N LEU A 98 -8.13 3.66 3.03
CA LEU A 98 -8.31 2.74 4.13
C LEU A 98 -9.36 1.65 3.84
N MET A 99 -10.13 1.78 2.77
CA MET A 99 -11.12 0.77 2.42
C MET A 99 -10.48 -0.58 2.06
N ASN A 100 -10.98 -1.63 2.68
CA ASN A 100 -10.56 -2.98 2.35
C ASN A 100 -10.82 -3.28 0.87
N PHE A 101 -9.84 -3.91 0.22
CA PHE A 101 -9.95 -4.41 -1.16
C PHE A 101 -9.50 -5.86 -1.16
N SER A 102 -10.45 -6.78 -0.98
CA SER A 102 -10.12 -8.18 -0.64
C SER A 102 -9.37 -8.94 -1.74
N TYR A 103 -9.48 -8.48 -2.98
CA TYR A 103 -8.83 -9.14 -4.12
C TYR A 103 -7.32 -8.82 -4.24
N SER A 104 -6.87 -7.79 -3.51
CA SER A 104 -5.46 -7.37 -3.47
C SER A 104 -4.59 -8.29 -2.60
N ILE A 105 -3.34 -8.48 -3.00
CA ILE A 105 -2.38 -9.26 -2.17
C ILE A 105 -2.14 -8.69 -0.76
N ASN A 106 -2.20 -7.38 -0.60
CA ASN A 106 -2.08 -6.71 0.70
C ASN A 106 -3.44 -6.15 1.16
N GLU A 107 -4.48 -6.51 0.40
CA GLU A 107 -5.87 -6.11 0.68
C GLU A 107 -6.17 -4.61 0.66
N LEU A 108 -5.30 -3.84 0.00
CA LEU A 108 -5.51 -2.41 -0.16
C LEU A 108 -5.44 -2.06 -1.62
N VAL A 109 -5.98 -0.90 -1.94
CA VAL A 109 -5.63 -0.23 -3.18
C VAL A 109 -4.57 0.78 -2.76
N GLU A 110 -3.46 0.77 -3.48
CA GLU A 110 -2.33 1.63 -3.17
C GLU A 110 -2.47 2.92 -3.96
N LEU A 111 -2.03 4.01 -3.36
CA LEU A 111 -2.04 5.30 -4.02
C LEU A 111 -0.58 5.74 -4.15
N HIS A 112 -0.15 5.98 -5.40
CA HIS A 112 1.21 6.38 -5.72
C HIS A 112 1.24 7.79 -6.29
N ARG A 113 2.20 8.59 -5.84
CA ARG A 113 2.38 9.93 -6.37
C ARG A 113 3.59 10.00 -7.29
N SER A 114 3.38 10.50 -8.50
CA SER A 114 4.46 10.91 -9.37
C SER A 114 4.24 12.38 -9.69
N ASP A 115 5.18 13.00 -10.40
CA ASP A 115 5.13 14.43 -10.68
C ASP A 115 3.83 14.81 -11.37
N GLU A 116 3.42 14.00 -12.34
CA GLU A 116 2.24 14.26 -13.15
C GLU A 116 0.97 13.59 -12.61
N TYR A 117 1.12 12.47 -11.90
CA TYR A 117 -0.04 11.63 -11.55
C TYR A 117 -0.18 11.26 -10.08
N LEU A 118 -1.45 11.13 -9.70
CA LEU A 118 -1.85 10.40 -8.54
C LEU A 118 -2.37 9.09 -9.10
N GLN A 119 -1.75 7.97 -8.74
CA GLN A 119 -2.04 6.69 -9.39
C GLN A 119 -2.64 5.64 -8.44
N LEU A 120 -3.83 5.14 -8.75
CA LEU A 120 -4.41 4.01 -7.99
C LEU A 120 -3.83 2.73 -8.56
N ARG A 121 -3.36 1.84 -7.69
CA ARG A 121 -2.71 0.62 -8.13
C ARG A 121 -3.10 -0.54 -7.26
N VAL A 122 -3.30 -1.70 -7.88
CA VAL A 122 -3.49 -2.92 -7.12
C VAL A 122 -2.86 -4.13 -7.83
N VAL A 123 -2.27 -5.04 -7.05
CA VAL A 123 -1.74 -6.28 -7.58
C VAL A 123 -2.72 -7.37 -7.21
N ILE A 124 -3.31 -7.99 -8.23
CA ILE A 124 -4.36 -8.97 -7.98
C ILE A 124 -3.76 -10.33 -7.62
N LYS A 125 -4.46 -10.97 -6.71
CA LYS A 125 -4.05 -12.18 -6.08
C LYS A 125 -4.46 -13.37 -6.94
N ASP A 126 -3.66 -14.43 -6.92
CA ASP A 126 -3.84 -15.57 -7.83
C ASP A 126 -5.25 -16.16 -7.91
N ASP A 127 -5.88 -16.38 -6.76
CA ASP A 127 -7.22 -16.98 -6.71
C ASP A 127 -8.22 -16.33 -7.67
N TYR A 128 -8.03 -15.04 -7.97
CA TYR A 128 -9.01 -14.29 -8.76
C TYR A 128 -8.68 -14.05 -10.24
N VAL A 129 -7.66 -14.72 -10.78
CA VAL A 129 -7.23 -14.44 -12.15
C VAL A 129 -7.29 -15.64 -13.12
N HIS A 130 -7.99 -16.70 -12.74
CA HIS A 130 -8.15 -17.87 -13.62
C HIS A 130 -9.53 -17.92 -14.26
N ASP A 131 -10.38 -16.98 -13.89
CA ASP A 131 -11.79 -17.04 -14.17
C ASP A 131 -12.31 -15.66 -14.61
N GLY A 132 -12.91 -15.61 -15.79
CA GLY A 132 -13.41 -14.36 -16.37
C GLY A 132 -14.60 -13.80 -15.61
N ILE A 133 -15.40 -14.70 -15.01
CA ILE A 133 -16.58 -14.28 -14.27
C ILE A 133 -16.15 -13.65 -12.94
N VAL A 134 -15.22 -14.29 -12.25
CA VAL A 134 -14.66 -13.71 -11.02
C VAL A 134 -13.91 -12.40 -11.35
N PHE A 135 -13.05 -12.42 -12.37
CA PHE A 135 -12.25 -11.24 -12.72
C PHE A 135 -13.06 -10.00 -13.08
N ALA A 136 -14.25 -10.19 -13.64
CA ALA A 136 -15.15 -9.07 -13.96
C ALA A 136 -15.54 -8.31 -12.69
N GLU A 137 -15.67 -9.01 -11.58
CA GLU A 137 -16.04 -8.40 -10.30
C GLU A 137 -14.85 -7.56 -9.75
N ILE A 138 -13.64 -8.08 -9.93
CA ILE A 138 -12.41 -7.34 -9.60
C ILE A 138 -12.31 -6.01 -10.36
N LEU A 139 -12.53 -6.05 -11.69
CA LEU A 139 -12.56 -4.82 -12.48
C LEU A 139 -13.66 -3.85 -12.01
N HIS A 140 -14.82 -4.39 -11.66
CA HIS A 140 -15.95 -3.55 -11.27
C HIS A 140 -15.69 -2.85 -9.92
N GLU A 141 -15.18 -3.59 -8.94
CA GLU A 141 -14.77 -3.00 -7.67
C GLU A 141 -13.65 -1.98 -7.86
N PHE A 142 -12.64 -2.32 -8.65
CA PHE A 142 -11.59 -1.34 -8.95
C PHE A 142 -12.16 -0.05 -9.58
N TYR A 143 -13.06 -0.19 -10.55
CA TYR A 143 -13.67 0.97 -11.20
C TYR A 143 -14.45 1.81 -10.23
N GLN A 144 -15.14 1.17 -9.29
CA GLN A 144 -15.86 1.86 -8.23
CA GLN A 144 -15.87 1.90 -8.26
C GLN A 144 -14.94 2.72 -7.38
N ARG A 145 -13.73 2.22 -7.12
CA ARG A 145 -12.75 2.96 -6.30
C ARG A 145 -12.28 4.20 -7.09
N MET A 146 -12.08 4.01 -8.40
CA MET A 146 -11.75 5.10 -9.31
C MET A 146 -12.85 6.17 -9.33
N GLU A 147 -14.11 5.74 -9.33
CA GLU A 147 -15.26 6.65 -9.31
C GLU A 147 -15.30 7.52 -8.07
N ILE A 148 -15.00 6.92 -6.92
CA ILE A 148 -14.97 7.68 -5.67
C ILE A 148 -13.85 8.71 -5.72
N LEU A 149 -12.66 8.31 -6.17
CA LEU A 149 -11.53 9.24 -6.26
C LEU A 149 -11.79 10.35 -7.29
N ASN A 150 -12.42 9.99 -8.41
CA ASN A 150 -12.73 10.97 -9.44
C ASN A 150 -13.67 12.05 -8.91
N GLY A 151 -14.56 11.63 -8.02
CA GLY A 151 -15.60 12.51 -7.46
C GLY A 151 -15.07 13.60 -6.55
N VAL A 152 -13.92 13.38 -5.92
CA VAL A 152 -13.32 14.37 -5.02
C VAL A 152 -12.10 15.08 -5.61
N LEU A 153 -11.69 14.69 -6.81
CA LEU A 153 -10.68 15.45 -7.56
C LEU A 153 -11.36 16.39 -8.54
N ILE B 24 16.99 -15.97 6.45
CA ILE B 24 17.89 -15.09 7.23
C ILE B 24 17.68 -15.26 8.74
N ASN B 25 18.67 -14.82 9.51
CA ASN B 25 18.61 -14.83 10.98
C ASN B 25 18.24 -13.43 11.46
N LEU B 26 16.96 -13.25 11.78
CA LEU B 26 16.42 -11.92 12.03
C LEU B 26 16.83 -11.32 13.36
N VAL B 27 17.00 -12.16 14.38
CA VAL B 27 17.44 -11.67 15.68
C VAL B 27 18.86 -11.11 15.59
N GLN B 28 19.73 -11.83 14.87
CA GLN B 28 21.11 -11.39 14.66
C GLN B 28 21.14 -10.08 13.86
N LEU B 29 20.34 -10.02 12.80
CA LEU B 29 20.28 -8.82 11.96
C LEU B 29 19.87 -7.61 12.77
N VAL B 30 18.86 -7.79 13.62
CA VAL B 30 18.30 -6.71 14.42
C VAL B 30 19.29 -6.27 15.49
N ARG B 31 19.86 -7.21 16.22
CA ARG B 31 20.84 -6.87 17.26
C ARG B 31 22.02 -6.13 16.64
N ASP B 32 22.49 -6.62 15.50
CA ASP B 32 23.61 -6.00 14.79
C ASP B 32 23.27 -4.57 14.37
N SER B 33 22.06 -4.37 13.82
CA SER B 33 21.58 -3.02 13.47
C SER B 33 21.59 -2.03 14.63
N LEU B 34 21.24 -2.52 15.81
CA LEU B 34 21.01 -1.65 16.95
C LEU B 34 22.29 -1.23 17.68
N PHE B 35 23.30 -2.10 17.76
CA PHE B 35 24.60 -1.64 18.33
C PHE B 35 25.32 -0.72 17.35
N THR B 36 25.14 -0.97 16.06
CA THR B 36 25.80 -0.19 15.02
C THR B 36 25.46 1.29 15.13
N ILE B 37 24.21 1.62 15.49
CA ILE B 37 23.79 3.01 15.65
C ILE B 37 23.78 3.46 17.11
N GLY B 38 24.33 2.65 18.01
CA GLY B 38 24.51 3.05 19.40
C GLY B 38 23.23 3.10 20.19
N CYS B 39 22.25 2.31 19.79
CA CYS B 39 21.00 2.20 20.52
C CYS B 39 21.27 1.38 21.76
N PRO B 40 20.52 1.63 22.85
CA PRO B 40 20.62 0.75 24.01
C PRO B 40 20.19 -0.69 23.66
N PRO B 41 20.78 -1.70 24.35
CA PRO B 41 20.39 -3.10 24.15
C PRO B 41 19.10 -3.52 24.88
N SER B 42 18.71 -2.76 25.89
CA SER B 42 17.54 -3.09 26.73
C SER B 42 16.21 -2.99 25.99
N ILE B 43 16.17 -2.19 24.92
CA ILE B 43 14.92 -1.96 24.17
C ILE B 43 14.38 -3.17 23.38
N ILE B 44 15.21 -4.19 23.18
CA ILE B 44 14.83 -5.37 22.38
C ILE B 44 14.17 -6.46 23.24
N THR B 45 13.02 -6.96 22.79
CA THR B 45 12.38 -8.13 23.42
C THR B 45 12.08 -9.20 22.38
N ASP B 46 12.19 -10.47 22.80
CA ASP B 46 12.02 -11.62 21.90
C ASP B 46 11.08 -12.67 22.52
N SER B 49 11.29 -17.60 19.94
CA SER B 49 11.76 -18.57 18.95
C SER B 49 11.19 -18.23 17.56
N HIS B 50 9.89 -17.93 17.51
CA HIS B 50 9.23 -17.42 16.29
C HIS B 50 8.43 -16.15 16.57
N SER B 51 7.64 -15.72 15.59
CA SER B 51 7.24 -14.32 15.45
C SER B 51 6.50 -13.73 16.69
N ALA B 52 6.85 -12.52 17.14
CA ALA B 52 7.78 -11.58 16.46
C ALA B 52 8.77 -10.89 17.42
N ILE B 53 9.71 -10.11 16.87
CA ILE B 53 10.65 -9.27 17.65
C ILE B 53 10.08 -7.89 17.88
N THR B 54 10.29 -7.32 19.08
CA THR B 54 9.75 -5.99 19.40
C THR B 54 10.83 -5.04 19.97
N ILE B 55 10.73 -3.77 19.59
CA ILE B 55 11.64 -2.72 20.02
C ILE B 55 10.84 -1.61 20.70
N SER B 56 11.01 -1.46 22.02
CA SER B 56 10.27 -0.46 22.80
C SER B 56 10.81 0.96 22.60
N LEU B 57 9.91 1.92 22.60
CA LEU B 57 10.25 3.32 22.40
C LEU B 57 9.49 4.15 23.41
N ASP B 58 10.14 5.12 24.04
CA ASP B 58 9.46 5.97 25.01
C ASP B 58 8.31 6.73 24.35
N SER B 59 7.14 6.67 24.98
CA SER B 59 5.94 7.42 24.55
C SER B 59 5.60 7.21 23.07
N MET B 60 5.72 5.98 22.61
CA MET B 60 5.49 5.62 21.23
C MET B 60 5.10 4.15 21.17
N PRO B 61 4.36 3.74 20.13
CA PRO B 61 4.15 2.31 19.93
C PRO B 61 5.45 1.61 19.56
N ALA B 62 5.57 0.35 19.94
CA ALA B 62 6.75 -0.42 19.63
C ALA B 62 6.86 -0.75 18.13
N ILE B 63 8.09 -0.93 17.66
CA ILE B 63 8.31 -1.45 16.33
C ILE B 63 8.34 -2.97 16.42
N ASN B 64 7.48 -3.61 15.63
CA ASN B 64 7.46 -5.05 15.54
C ASN B 64 8.17 -5.49 14.26
N ILE B 65 8.99 -6.53 14.39
CA ILE B 65 9.76 -7.08 13.28
C ILE B 65 9.56 -8.59 13.29
N ALA B 66 9.38 -9.18 12.11
CA ALA B 66 9.22 -10.63 11.99
C ALA B 66 9.35 -11.09 10.55
N LEU B 67 9.75 -12.35 10.37
CA LEU B 67 9.71 -12.99 9.07
C LEU B 67 8.27 -13.40 8.81
N VAL B 68 7.63 -12.78 7.84
CA VAL B 68 6.26 -13.15 7.49
C VAL B 68 6.24 -13.72 6.08
N ASN B 69 6.16 -15.04 6.02
CA ASN B 69 6.16 -15.76 4.76
C ASN B 69 7.36 -15.38 3.90
N GLU B 70 8.55 -15.59 4.45
CA GLU B 70 9.83 -15.42 3.77
C GLU B 70 10.30 -13.98 3.56
N GLN B 71 9.54 -12.99 4.04
CA GLN B 71 9.92 -11.59 3.90
C GLN B 71 9.92 -10.90 5.28
N VAL B 72 10.92 -10.05 5.52
CA VAL B 72 11.00 -9.28 6.75
C VAL B 72 9.89 -8.22 6.72
N MET B 73 9.12 -8.15 7.80
CA MET B 73 8.02 -7.18 7.87
C MET B 73 8.16 -6.32 9.13
N LEU B 74 7.98 -5.00 8.97
CA LEU B 74 7.99 -4.06 10.08
C LEU B 74 6.60 -3.50 10.25
N TRP B 75 6.11 -3.40 11.48
CA TRP B 75 4.80 -2.79 11.70
C TRP B 75 4.67 -2.12 13.07
N ALA B 76 3.78 -1.14 13.15
CA ALA B 76 3.50 -0.41 14.39
C ALA B 76 2.00 -0.21 14.55
N ASN B 77 1.47 -0.55 15.72
CA ASN B 77 0.04 -0.41 16.00
C ASN B 77 -0.27 0.88 16.76
N PHE B 78 -0.98 1.79 16.12
CA PHE B 78 -1.42 3.04 16.74
C PHE B 78 -2.87 2.92 17.16
N ASP B 79 -3.17 3.35 18.37
CA ASP B 79 -4.57 3.45 18.82
C ASP B 79 -5.37 4.15 17.73
N ALA B 80 -6.51 3.59 17.37
CA ALA B 80 -7.33 4.19 16.32
C ALA B 80 -7.80 5.58 16.77
N PRO B 81 -7.52 6.61 15.96
CA PRO B 81 -7.98 7.93 16.33
C PRO B 81 -9.50 8.00 16.20
N SER B 82 -10.12 8.94 16.92
CA SER B 82 -11.53 9.17 16.70
C SER B 82 -11.71 9.55 15.24
N ASP B 83 -12.92 9.44 14.76
CA ASP B 83 -13.26 9.85 13.42
C ASP B 83 -13.04 11.36 13.17
N VAL B 84 -13.27 12.17 14.19
CA VAL B 84 -13.08 13.61 14.09
C VAL B 84 -11.59 13.99 14.02
N LYS B 85 -10.78 13.37 14.87
CA LYS B 85 -9.32 13.57 14.82
C LYS B 85 -8.72 13.11 13.48
N LEU B 86 -9.28 12.06 12.89
CA LEU B 86 -8.81 11.58 11.59
C LEU B 86 -9.11 12.60 10.49
N GLN B 87 -10.31 13.18 10.52
CA GLN B 87 -10.68 14.23 9.58
C GLN B 87 -9.78 15.47 9.67
N SER B 88 -9.55 15.97 10.87
CA SER B 88 -8.65 17.13 11.04
C SER B 88 -7.19 16.81 10.69
N SER B 89 -6.75 15.56 10.89
CA SER B 89 -5.38 15.17 10.54
C SER B 89 -5.23 14.54 9.15
N ALA B 90 -6.28 14.50 8.35
CA ALA B 90 -6.30 13.76 7.09
C ALA B 90 -5.21 14.24 6.11
N TYR B 91 -5.18 15.53 5.86
CA TYR B 91 -4.18 16.11 4.97
C TYR B 91 -2.75 15.68 5.33
N ASN B 92 -2.36 15.87 6.59
CA ASN B 92 -1.05 15.45 7.07
C ASN B 92 -0.79 13.95 6.91
N ILE B 93 -1.80 13.14 7.22
CA ILE B 93 -1.68 11.69 7.15
C ILE B 93 -1.56 11.22 5.69
N LEU B 94 -2.32 11.86 4.81
CA LEU B 94 -2.28 11.54 3.40
C LEU B 94 -0.91 11.88 2.80
N ASN B 95 -0.33 13.00 3.22
CA ASN B 95 1.01 13.36 2.79
C ASN B 95 2.06 12.33 3.24
N LEU B 96 1.91 11.84 4.47
CA LEU B 96 2.80 10.83 5.00
C LEU B 96 2.72 9.57 4.17
N MET B 97 1.50 9.11 3.91
CA MET B 97 1.28 7.87 3.16
C MET B 97 1.73 7.96 1.70
N LEU B 98 1.74 9.18 1.15
CA LEU B 98 2.22 9.36 -0.21
C LEU B 98 3.74 9.45 -0.32
N MET B 99 4.44 9.62 0.81
CA MET B 99 5.91 9.69 0.79
C MET B 99 6.49 8.35 0.35
N ASN B 100 7.46 8.40 -0.56
N ASN B 100 7.48 8.42 -0.53
CA ASN B 100 8.14 7.20 -1.01
CA ASN B 100 8.20 7.25 -0.99
C ASN B 100 9.00 6.59 0.10
C ASN B 100 8.99 6.59 0.14
N PHE B 101 8.97 5.27 0.18
CA PHE B 101 9.78 4.50 1.12
C PHE B 101 10.51 3.46 0.29
N SER B 102 11.74 3.77 -0.09
CA SER B 102 12.43 3.02 -1.15
C SER B 102 12.79 1.58 -0.77
N TYR B 103 12.79 1.25 0.52
CA TYR B 103 13.18 -0.08 0.98
C TYR B 103 12.00 -1.07 0.89
N SER B 104 10.81 -0.53 0.67
CA SER B 104 9.56 -1.30 0.62
C SER B 104 9.39 -1.99 -0.72
N ILE B 105 8.78 -3.18 -0.72
CA ILE B 105 8.52 -3.90 -1.97
C ILE B 105 7.61 -3.12 -2.95
N ASN B 106 6.69 -2.30 -2.42
CA ASN B 106 5.83 -1.44 -3.25
C ASN B 106 6.27 0.03 -3.22
N GLU B 107 7.38 0.29 -2.53
CA GLU B 107 7.95 1.64 -2.39
C GLU B 107 7.08 2.58 -1.55
N LEU B 108 6.21 1.99 -0.73
CA LEU B 108 5.33 2.76 0.12
C LEU B 108 5.35 2.19 1.53
N VAL B 109 4.89 3.00 2.47
CA VAL B 109 4.44 2.47 3.75
C VAL B 109 2.93 2.33 3.63
N GLU B 110 2.41 1.21 4.12
CA GLU B 110 0.99 0.88 4.05
C GLU B 110 0.31 1.23 5.35
N LEU B 111 -0.92 1.73 5.26
CA LEU B 111 -1.72 2.03 6.42
C LEU B 111 -2.92 1.09 6.41
N HIS B 112 -3.05 0.31 7.48
CA HIS B 112 -4.14 -0.64 7.64
C HIS B 112 -4.98 -0.23 8.80
N ARG B 113 -6.29 -0.40 8.65
CA ARG B 113 -7.21 -0.10 9.70
C ARG B 113 -7.93 -1.35 10.17
N SER B 114 -7.96 -1.53 11.48
CA SER B 114 -8.75 -2.54 12.13
C SER B 114 -9.62 -1.78 13.10
N ASP B 115 -10.52 -2.47 13.77
CA ASP B 115 -11.44 -1.82 14.70
C ASP B 115 -10.68 -1.06 15.80
N GLU B 116 -9.55 -1.61 16.22
CA GLU B 116 -8.79 -1.05 17.33
C GLU B 116 -7.56 -0.21 16.91
N TYR B 117 -6.99 -0.48 15.74
CA TYR B 117 -5.70 0.13 15.36
C TYR B 117 -5.68 0.79 13.98
N LEU B 118 -4.82 1.81 13.85
CA LEU B 118 -4.26 2.23 12.56
C LEU B 118 -2.87 1.63 12.55
N GLN B 119 -2.61 0.73 11.60
CA GLN B 119 -1.35 0.00 11.57
C GLN B 119 -0.48 0.47 10.40
N LEU B 120 0.70 1.00 10.71
CA LEU B 120 1.72 1.23 9.71
C LEU B 120 2.40 -0.09 9.43
N ARG B 121 2.55 -0.43 8.15
CA ARG B 121 3.15 -1.70 7.78
C ARG B 121 4.04 -1.55 6.56
N VAL B 122 5.16 -2.26 6.55
CA VAL B 122 6.01 -2.32 5.38
C VAL B 122 6.65 -3.71 5.25
N VAL B 123 6.76 -4.20 4.01
CA VAL B 123 7.53 -5.41 3.72
C VAL B 123 8.83 -4.99 3.06
N ILE B 124 9.95 -5.39 3.64
CA ILE B 124 11.26 -4.96 3.15
C ILE B 124 11.76 -5.86 2.02
N LYS B 125 12.40 -5.24 1.03
CA LYS B 125 13.03 -5.95 -0.08
C LYS B 125 14.20 -6.80 0.38
N ASP B 126 14.31 -8.00 -0.20
CA ASP B 126 15.38 -8.95 0.13
C ASP B 126 16.78 -8.32 0.09
N ASP B 127 17.00 -7.35 -0.79
CA ASP B 127 18.29 -6.69 -0.93
C ASP B 127 18.79 -5.98 0.33
N TYR B 128 17.89 -5.70 1.28
CA TYR B 128 18.21 -4.85 2.43
C TYR B 128 18.17 -5.56 3.79
N VAL B 129 18.06 -6.89 3.78
CA VAL B 129 17.88 -7.64 5.02
C VAL B 129 19.09 -8.49 5.34
N HIS B 130 20.21 -8.22 4.67
CA HIS B 130 21.42 -9.03 4.81
C HIS B 130 22.57 -8.32 5.50
N ASP B 131 22.39 -7.02 5.73
CA ASP B 131 23.39 -6.13 6.26
C ASP B 131 22.77 -5.37 7.44
N GLY B 132 23.34 -5.55 8.62
CA GLY B 132 22.87 -4.86 9.82
C GLY B 132 23.01 -3.35 9.73
N ILE B 133 24.05 -2.88 9.04
CA ILE B 133 24.31 -1.45 8.92
C ILE B 133 23.25 -0.81 8.01
N VAL B 134 22.94 -1.46 6.90
CA VAL B 134 21.90 -1.00 6.00
C VAL B 134 20.53 -1.12 6.66
N PHE B 135 20.31 -2.20 7.39
CA PHE B 135 19.02 -2.41 8.03
C PHE B 135 18.71 -1.38 9.12
N ALA B 136 19.74 -0.86 9.80
CA ALA B 136 19.54 0.19 10.80
C ALA B 136 18.93 1.43 10.18
N GLU B 137 19.34 1.75 8.96
CA GLU B 137 18.78 2.91 8.25
C GLU B 137 17.31 2.67 7.90
N ILE B 138 16.98 1.42 7.58
CA ILE B 138 15.58 1.04 7.36
C ILE B 138 14.71 1.24 8.59
N LEU B 139 15.19 0.73 9.74
CA LEU B 139 14.49 0.91 11.00
C LEU B 139 14.33 2.38 11.40
N HIS B 140 15.35 3.18 11.10
CA HIS B 140 15.35 4.56 11.51
C HIS B 140 14.41 5.38 10.64
N GLU B 141 14.36 5.08 9.35
CA GLU B 141 13.39 5.73 8.47
C GLU B 141 11.95 5.30 8.82
N PHE B 142 11.75 4.03 9.11
CA PHE B 142 10.43 3.57 9.54
C PHE B 142 9.99 4.32 10.81
N TYR B 143 10.88 4.39 11.80
CA TYR B 143 10.63 5.17 13.03
C TYR B 143 10.25 6.61 12.73
N GLN B 144 10.96 7.24 11.80
CA GLN B 144 10.64 8.62 11.41
C GLN B 144 9.19 8.72 10.90
N ARG B 145 8.77 7.76 10.10
CA ARG B 145 7.38 7.69 9.65
C ARG B 145 6.41 7.53 10.83
N MET B 146 6.77 6.68 11.79
CA MET B 146 6.02 6.54 13.03
C MET B 146 5.94 7.86 13.79
N GLU B 147 7.06 8.58 13.88
CA GLU B 147 7.08 9.87 14.56
C GLU B 147 6.09 10.88 13.94
N ILE B 148 6.08 10.97 12.62
CA ILE B 148 5.18 11.90 11.92
C ILE B 148 3.73 11.52 12.17
N LEU B 149 3.41 10.23 12.07
CA LEU B 149 2.03 9.80 12.31
C LEU B 149 1.60 10.06 13.77
N ASN B 150 2.45 9.70 14.71
CA ASN B 150 2.19 9.99 16.13
C ASN B 150 1.94 11.46 16.40
N GLY B 151 2.63 12.33 15.67
CA GLY B 151 2.50 13.78 15.84
C GLY B 151 1.11 14.32 15.56
N VAL B 152 0.38 13.69 14.64
CA VAL B 152 -0.94 14.16 14.23
C VAL B 152 -2.09 13.31 14.77
N LEU B 153 -1.79 12.31 15.60
CA LEU B 153 -2.82 11.55 16.32
C LEU B 153 -2.89 12.05 17.76
O1 MTN C . -17.06 -1.59 -14.05
N1 MTN C . -17.05 -1.59 -15.30
C1 MTN C . -15.94 -2.15 -16.09
C2 MTN C . -16.39 -1.79 -17.48
C3 MTN C . -17.60 -1.21 -17.49
C4 MTN C . -18.29 -0.76 -18.76
S1 MTN C . -19.45 -1.95 -19.34
C5 MTN C . -18.17 -1.05 -16.09
C6 MTN C . -19.42 -1.90 -15.89
C7 MTN C . -18.42 0.41 -15.78
C8 MTN C . -14.62 -1.45 -15.75
C9 MTN C . -15.88 -3.66 -15.92
O1 MTN D . 14.94 5.14 15.05
N1 MTN D . 15.40 4.49 16.02
C1 MTN D . 15.47 3.01 16.02
C2 MTN D . 15.84 2.79 17.47
C3 MTN D . 16.07 3.92 18.13
C4 MTN D . 16.44 3.96 19.59
S1 MTN D . 18.18 4.10 19.81
C5 MTN D . 15.89 5.13 17.24
C6 MTN D . 17.21 5.84 16.97
C7 MTN D . 14.87 6.09 17.85
C8 MTN D . 14.13 2.36 15.69
C9 MTN D . 16.60 2.49 15.15
#